data_1MV9
#
_entry.id   1MV9
#
_cell.length_a   64.361
_cell.length_b   64.361
_cell.length_c   112.740
_cell.angle_alpha   90.00
_cell.angle_beta   90.00
_cell.angle_gamma   90.00
#
_symmetry.space_group_name_H-M   'P 43 21 2'
#
loop_
_entity.id
_entity.type
_entity.pdbx_description
1 polymer 'RXR retinoid X receptor'
2 polymer 'Nuclear receptor coactivator 2'
3 non-polymer 'DOCOSA-4,7,10,13,16,19-HEXAENOIC ACID'
4 water water
#
loop_
_entity_poly.entity_id
_entity_poly.type
_entity_poly.pdbx_seq_one_letter_code
_entity_poly.pdbx_strand_id
1 'polypeptide(L)'
;TSSANEDMPVERILEAELAVEPKTETYVEANMGLNPSSPNDPVTNICQAADKQLFTLVEWAKRIPHFSELPLDDQVILLR
AGWNELLIASFSHRSIAVKDGILLATGLHVHRNSAHSAGVGAIFDRVLTELVSKMRDMQMDKTELGCLRAIVLFNPDSKG
LSNPAEVEALREKVYASLEAYCKHKYPEQPGRFAKLLLRLPALRSIGLKCLEHLFFFKLIGDTPIDTFLMEMLEAPHQMT
;
A
2 'polypeptide(L)' KHKILHRLLQDSS B
#
loop_
_chem_comp.id
_chem_comp.type
_chem_comp.name
_chem_comp.formula
HXA non-polymer 'DOCOSA-4,7,10,13,16,19-HEXAENOIC ACID' 'C22 H32 O2'
#
# COMPACT_ATOMS: atom_id res chain seq x y z
N ASP A 7 7.56 14.40 16.62
CA ASP A 7 6.79 14.96 15.48
C ASP A 7 6.17 13.83 14.64
N MET A 8 7.00 12.85 14.28
CA MET A 8 6.54 11.70 13.50
C MET A 8 6.91 10.45 14.30
N PRO A 9 6.19 10.19 15.41
CA PRO A 9 6.43 9.03 16.28
C PRO A 9 6.04 7.71 15.64
N VAL A 10 6.97 6.75 15.62
CA VAL A 10 6.67 5.44 15.06
C VAL A 10 5.51 4.80 15.82
N GLU A 11 5.35 5.17 17.09
CA GLU A 11 4.27 4.64 17.91
C GLU A 11 2.90 4.96 17.28
N ARG A 12 2.77 6.16 16.74
CA ARG A 12 1.52 6.58 16.11
C ARG A 12 1.29 5.76 14.83
N ILE A 13 2.35 5.60 14.06
CA ILE A 13 2.31 4.84 12.82
C ILE A 13 1.91 3.40 13.10
N LEU A 14 2.47 2.81 14.17
CA LEU A 14 2.15 1.43 14.54
C LEU A 14 0.67 1.37 14.90
N GLU A 15 0.19 2.36 15.64
CA GLU A 15 -1.22 2.43 16.06
C GLU A 15 -2.13 2.46 14.83
N ALA A 16 -1.70 3.19 13.79
CA ALA A 16 -2.48 3.27 12.57
C ALA A 16 -2.62 1.87 11.96
N GLU A 17 -1.51 1.15 11.90
CA GLU A 17 -1.54 -0.21 11.35
C GLU A 17 -2.49 -1.09 12.16
N LEU A 18 -2.31 -1.10 13.48
CA LEU A 18 -3.13 -1.93 14.36
C LEU A 18 -4.62 -1.60 14.33
N ALA A 19 -4.95 -0.31 14.20
CA ALA A 19 -6.35 0.11 14.17
C ALA A 19 -7.06 -0.38 12.90
N VAL A 20 -6.30 -0.45 11.82
CA VAL A 20 -6.81 -0.87 10.53
C VAL A 20 -6.88 -2.38 10.31
N GLU A 21 -6.13 -3.15 11.09
CA GLU A 21 -6.14 -4.60 10.95
C GLU A 21 -7.56 -5.17 10.93
N PRO A 22 -7.81 -6.13 10.03
CA PRO A 22 -9.12 -6.76 9.88
C PRO A 22 -9.54 -7.63 11.06
N ASP A 41 -13.40 -17.28 -9.60
CA ASP A 41 -12.23 -16.57 -10.17
C ASP A 41 -11.47 -15.81 -9.07
N PRO A 42 -10.19 -16.16 -8.87
CA PRO A 42 -9.36 -15.51 -7.85
C PRO A 42 -9.32 -14.01 -8.06
N VAL A 43 -9.27 -13.60 -9.33
CA VAL A 43 -9.21 -12.19 -9.67
C VAL A 43 -10.43 -11.43 -9.14
N THR A 44 -11.62 -12.00 -9.30
CA THR A 44 -12.83 -11.36 -8.81
C THR A 44 -12.78 -11.16 -7.30
N ASN A 45 -12.29 -12.16 -6.58
CA ASN A 45 -12.17 -12.07 -5.13
C ASN A 45 -11.12 -11.03 -4.74
N ILE A 46 -10.03 -10.97 -5.49
CA ILE A 46 -8.99 -10.00 -5.21
C ILE A 46 -9.50 -8.58 -5.44
N CYS A 47 -10.22 -8.37 -6.55
CA CYS A 47 -10.77 -7.06 -6.86
C CYS A 47 -11.80 -6.67 -5.82
N GLN A 48 -12.60 -7.63 -5.41
CA GLN A 48 -13.63 -7.41 -4.40
C GLN A 48 -12.95 -6.90 -3.12
N ALA A 49 -11.90 -7.61 -2.69
CA ALA A 49 -11.16 -7.24 -1.49
C ALA A 49 -10.45 -5.89 -1.62
N ALA A 50 -9.97 -5.57 -2.82
CA ALA A 50 -9.28 -4.31 -3.05
C ALA A 50 -10.25 -3.14 -2.82
N ASP A 51 -11.47 -3.27 -3.35
CA ASP A 51 -12.46 -2.22 -3.19
C ASP A 51 -12.73 -2.02 -1.71
N LYS A 52 -12.90 -3.13 -0.99
CA LYS A 52 -13.15 -3.10 0.44
C LYS A 52 -12.04 -2.41 1.20
N GLN A 53 -10.79 -2.76 0.89
CA GLN A 53 -9.64 -2.17 1.56
C GLN A 53 -9.39 -0.70 1.25
N LEU A 54 -9.93 -0.20 0.14
CA LEU A 54 -9.74 1.21 -0.20
C LEU A 54 -10.41 2.09 0.86
N PHE A 55 -11.59 1.66 1.34
CA PHE A 55 -12.27 2.42 2.38
C PHE A 55 -11.39 2.44 3.62
N THR A 56 -10.85 1.28 3.97
CA THR A 56 -9.98 1.15 5.13
C THR A 56 -8.69 1.96 4.95
N LEU A 57 -8.21 2.05 3.72
CA LEU A 57 -7.00 2.80 3.43
C LEU A 57 -7.16 4.27 3.82
N VAL A 58 -8.33 4.83 3.54
CA VAL A 58 -8.62 6.22 3.87
C VAL A 58 -8.57 6.40 5.39
N GLU A 59 -9.17 5.48 6.12
CA GLU A 59 -9.14 5.57 7.57
C GLU A 59 -7.70 5.48 8.10
N TRP A 60 -6.90 4.60 7.49
CA TRP A 60 -5.51 4.44 7.88
C TRP A 60 -4.74 5.75 7.67
N ALA A 61 -4.84 6.31 6.47
CA ALA A 61 -4.15 7.56 6.13
C ALA A 61 -4.46 8.68 7.12
N LYS A 62 -5.71 8.77 7.53
CA LYS A 62 -6.15 9.79 8.48
C LYS A 62 -5.44 9.68 9.82
N ARG A 63 -5.05 8.47 10.19
CA ARG A 63 -4.37 8.22 11.45
C ARG A 63 -2.86 8.47 11.37
N ILE A 64 -2.33 8.63 10.16
CA ILE A 64 -0.92 8.90 9.97
C ILE A 64 -0.68 10.38 10.29
N PRO A 65 0.21 10.67 11.24
CA PRO A 65 0.52 12.06 11.64
C PRO A 65 0.62 13.09 10.53
N HIS A 66 -0.13 14.18 10.68
CA HIS A 66 -0.13 15.31 9.76
C HIS A 66 -0.78 15.14 8.38
N PHE A 67 -1.16 13.92 8.02
CA PHE A 67 -1.79 13.70 6.72
C PHE A 67 -3.09 14.51 6.57
N SER A 68 -3.97 14.40 7.55
CA SER A 68 -5.25 15.10 7.52
C SER A 68 -5.13 16.62 7.55
N GLU A 69 -3.95 17.12 7.93
CA GLU A 69 -3.71 18.55 7.98
C GLU A 69 -3.39 19.10 6.59
N LEU A 70 -2.88 18.25 5.70
CA LEU A 70 -2.58 18.68 4.35
C LEU A 70 -3.89 19.11 3.69
N PRO A 71 -3.83 19.98 2.68
CA PRO A 71 -5.09 20.38 2.05
C PRO A 71 -5.81 19.19 1.44
N LEU A 72 -7.14 19.24 1.43
CA LEU A 72 -7.95 18.14 0.90
C LEU A 72 -7.54 17.66 -0.49
N ASP A 73 -7.21 18.60 -1.37
CA ASP A 73 -6.81 18.21 -2.74
C ASP A 73 -5.51 17.40 -2.75
N ASP A 74 -4.59 17.71 -1.84
CA ASP A 74 -3.33 16.97 -1.79
C ASP A 74 -3.54 15.59 -1.20
N GLN A 75 -4.44 15.50 -0.21
CA GLN A 75 -4.75 14.22 0.40
C GLN A 75 -5.27 13.31 -0.69
N VAL A 76 -6.12 13.85 -1.56
CA VAL A 76 -6.69 13.09 -2.67
C VAL A 76 -5.58 12.62 -3.61
N ILE A 77 -4.71 13.54 -3.99
CA ILE A 77 -3.60 13.22 -4.88
C ILE A 77 -2.70 12.11 -4.34
N LEU A 78 -2.31 12.23 -3.08
CA LEU A 78 -1.45 11.22 -2.46
C LEU A 78 -2.10 9.85 -2.42
N LEU A 79 -3.38 9.79 -2.10
CA LEU A 79 -4.06 8.51 -2.03
C LEU A 79 -4.28 7.91 -3.42
N ARG A 80 -4.62 8.75 -4.40
CA ARG A 80 -4.80 8.25 -5.76
C ARG A 80 -3.47 7.78 -6.34
N ALA A 81 -2.38 8.42 -5.94
CA ALA A 81 -1.06 8.05 -6.44
C ALA A 81 -0.49 6.80 -5.77
N GLY A 82 -0.79 6.60 -4.49
CA GLY A 82 -0.21 5.45 -3.80
C GLY A 82 -1.06 4.28 -3.37
N TRP A 83 -2.38 4.35 -3.60
CA TRP A 83 -3.24 3.27 -3.14
C TRP A 83 -2.82 1.86 -3.54
N ASN A 84 -2.44 1.63 -4.79
CA ASN A 84 -2.07 0.27 -5.18
C ASN A 84 -0.84 -0.26 -4.45
N GLU A 85 0.20 0.56 -4.33
CA GLU A 85 1.40 0.14 -3.61
C GLU A 85 1.06 -0.05 -2.13
N LEU A 86 0.25 0.86 -1.59
CA LEU A 86 -0.16 0.81 -0.19
C LEU A 86 -0.91 -0.48 0.11
N LEU A 87 -1.82 -0.87 -0.79
CA LEU A 87 -2.58 -2.10 -0.58
C LEU A 87 -1.71 -3.34 -0.78
N ILE A 88 -0.76 -3.27 -1.73
CA ILE A 88 0.13 -4.39 -1.97
C ILE A 88 1.06 -4.63 -0.79
N ALA A 89 1.57 -3.55 -0.22
CA ALA A 89 2.45 -3.67 0.94
C ALA A 89 1.66 -4.36 2.08
N SER A 90 0.41 -3.95 2.26
CA SER A 90 -0.43 -4.52 3.32
C SER A 90 -0.72 -6.00 3.18
N PHE A 91 -1.24 -6.45 2.04
CA PHE A 91 -1.54 -7.87 1.91
C PHE A 91 -0.29 -8.73 1.86
N SER A 92 0.83 -8.16 1.41
CA SER A 92 2.06 -8.91 1.34
C SER A 92 2.54 -9.21 2.76
N HIS A 93 2.54 -8.20 3.62
CA HIS A 93 2.98 -8.40 4.98
C HIS A 93 2.01 -9.30 5.75
N ARG A 94 0.72 -9.18 5.45
CA ARG A 94 -0.28 -10.01 6.12
C ARG A 94 -0.09 -11.49 5.75
N SER A 95 0.55 -11.73 4.61
CA SER A 95 0.78 -13.08 4.08
C SER A 95 2.09 -13.77 4.45
N ILE A 96 2.87 -13.14 5.33
CA ILE A 96 4.16 -13.68 5.75
C ILE A 96 4.16 -15.15 6.18
N ALA A 97 3.21 -15.56 6.99
CA ALA A 97 3.15 -16.95 7.47
C ALA A 97 2.39 -17.88 6.52
N VAL A 98 1.99 -17.36 5.36
CA VAL A 98 1.27 -18.15 4.37
C VAL A 98 2.29 -18.79 3.43
N LYS A 99 2.13 -20.07 3.13
CA LYS A 99 3.07 -20.72 2.23
C LYS A 99 2.58 -20.70 0.79
N ASP A 100 3.39 -20.12 -0.09
CA ASP A 100 3.08 -20.05 -1.50
C ASP A 100 1.70 -19.45 -1.79
N GLY A 101 1.34 -18.42 -1.04
CA GLY A 101 0.04 -17.80 -1.22
C GLY A 101 -0.10 -16.48 -0.49
N ILE A 102 -1.25 -15.85 -0.63
CA ILE A 102 -1.51 -14.59 0.05
C ILE A 102 -2.84 -14.64 0.78
N LEU A 103 -2.93 -13.85 1.84
CA LEU A 103 -4.16 -13.79 2.63
C LEU A 103 -4.87 -12.48 2.34
N LEU A 104 -6.08 -12.57 1.82
CA LEU A 104 -6.86 -11.37 1.50
C LEU A 104 -7.50 -10.85 2.79
N ALA A 105 -7.88 -9.57 2.80
CA ALA A 105 -8.50 -8.94 3.96
C ALA A 105 -9.84 -9.56 4.30
N THR A 106 -10.43 -10.26 3.33
CA THR A 106 -11.71 -10.92 3.52
C THR A 106 -11.57 -12.26 4.24
N GLY A 107 -10.34 -12.66 4.52
CA GLY A 107 -10.10 -13.94 5.18
C GLY A 107 -9.78 -15.08 4.23
N LEU A 108 -9.94 -14.84 2.93
CA LEU A 108 -9.68 -15.85 1.93
C LEU A 108 -8.20 -15.99 1.56
N HIS A 109 -7.69 -17.23 1.60
CA HIS A 109 -6.31 -17.50 1.23
C HIS A 109 -6.27 -17.84 -0.25
N VAL A 110 -5.39 -17.16 -0.99
CA VAL A 110 -5.26 -17.42 -2.43
C VAL A 110 -3.88 -18.03 -2.67
N HIS A 111 -3.88 -19.28 -3.11
CA HIS A 111 -2.65 -19.99 -3.38
C HIS A 111 -2.13 -19.75 -4.80
N ARG A 112 -0.82 -19.87 -4.95
CA ARG A 112 -0.10 -19.69 -6.20
C ARG A 112 -0.74 -20.47 -7.36
N ASN A 113 -1.14 -21.72 -7.11
CA ASN A 113 -1.76 -22.54 -8.14
C ASN A 113 -3.03 -21.89 -8.68
N SER A 114 -3.81 -21.31 -7.77
CA SER A 114 -5.06 -20.66 -8.15
C SER A 114 -4.76 -19.44 -9.04
N ALA A 115 -3.78 -18.63 -8.65
CA ALA A 115 -3.41 -17.45 -9.43
C ALA A 115 -2.94 -17.88 -10.83
N HIS A 116 -2.12 -18.93 -10.86
CA HIS A 116 -1.60 -19.44 -12.11
C HIS A 116 -2.74 -19.92 -13.01
N SER A 117 -3.72 -20.62 -12.42
CA SER A 117 -4.85 -21.15 -13.17
C SER A 117 -5.78 -20.06 -13.69
N ALA A 118 -5.61 -18.84 -13.19
CA ALA A 118 -6.42 -17.71 -13.60
C ALA A 118 -5.69 -16.83 -14.61
N GLY A 119 -4.47 -17.21 -14.95
CA GLY A 119 -3.70 -16.43 -15.92
C GLY A 119 -2.92 -15.24 -15.37
N VAL A 120 -2.78 -15.14 -14.06
CA VAL A 120 -2.03 -14.04 -13.45
C VAL A 120 -0.88 -14.60 -12.59
N GLY A 121 -0.36 -15.75 -12.99
CA GLY A 121 0.71 -16.39 -12.24
C GLY A 121 2.01 -15.61 -12.14
N ALA A 122 2.43 -14.99 -13.23
CA ALA A 122 3.67 -14.23 -13.26
C ALA A 122 3.69 -13.10 -12.23
N ILE A 123 2.67 -12.24 -12.24
CA ILE A 123 2.65 -11.14 -11.29
C ILE A 123 2.47 -11.67 -9.85
N PHE A 124 1.71 -12.76 -9.69
CA PHE A 124 1.51 -13.33 -8.36
C PHE A 124 2.86 -13.79 -7.80
N ASP A 125 3.65 -14.45 -8.65
CA ASP A 125 4.96 -14.95 -8.24
C ASP A 125 5.93 -13.82 -7.88
N ARG A 126 5.85 -12.69 -8.58
CA ARG A 126 6.70 -11.56 -8.26
C ARG A 126 6.36 -11.09 -6.84
N VAL A 127 5.07 -11.01 -6.53
CA VAL A 127 4.65 -10.60 -5.19
C VAL A 127 5.25 -11.53 -4.14
N LEU A 128 5.11 -12.83 -4.35
CA LEU A 128 5.63 -13.81 -3.40
C LEU A 128 7.15 -13.78 -3.26
N THR A 129 7.83 -13.66 -4.39
CA THR A 129 9.30 -13.69 -4.40
C THR A 129 9.99 -12.38 -4.00
N GLU A 130 9.49 -11.27 -4.50
CA GLU A 130 10.07 -9.97 -4.25
C GLU A 130 9.54 -9.27 -2.99
N LEU A 131 8.35 -9.63 -2.55
CA LEU A 131 7.78 -8.97 -1.37
C LEU A 131 7.53 -9.88 -0.17
N VAL A 132 6.58 -10.79 -0.31
CA VAL A 132 6.24 -11.69 0.79
C VAL A 132 7.42 -12.43 1.39
N SER A 133 8.15 -13.16 0.55
CA SER A 133 9.30 -13.93 1.03
C SER A 133 10.40 -13.06 1.64
N LYS A 134 10.63 -11.88 1.08
CA LYS A 134 11.65 -10.99 1.61
C LYS A 134 11.21 -10.47 2.98
N MET A 135 9.95 -10.07 3.10
CA MET A 135 9.43 -9.60 4.37
C MET A 135 9.55 -10.72 5.41
N ARG A 136 9.22 -11.94 5.02
CA ARG A 136 9.29 -13.07 5.92
C ARG A 136 10.71 -13.36 6.38
N ASP A 137 11.64 -13.44 5.42
CA ASP A 137 13.04 -13.74 5.73
C ASP A 137 13.68 -12.76 6.70
N MET A 138 13.37 -11.47 6.58
CA MET A 138 13.94 -10.48 7.49
C MET A 138 13.04 -10.20 8.69
N GLN A 139 11.87 -10.83 8.72
CA GLN A 139 10.92 -10.64 9.81
C GLN A 139 10.52 -9.18 9.99
N MET A 140 10.23 -8.51 8.88
CA MET A 140 9.80 -7.11 8.91
C MET A 140 8.64 -7.02 9.91
N ASP A 141 8.69 -6.07 10.84
CA ASP A 141 7.61 -5.95 11.81
C ASP A 141 6.58 -4.91 11.39
N LYS A 142 5.47 -4.86 12.12
CA LYS A 142 4.38 -3.94 11.79
C LYS A 142 4.75 -2.47 11.84
N THR A 143 5.72 -2.12 12.69
CA THR A 143 6.15 -0.73 12.79
C THR A 143 6.90 -0.35 11.51
N GLU A 144 7.77 -1.26 11.06
CA GLU A 144 8.54 -1.05 9.86
C GLU A 144 7.62 -0.98 8.65
N LEU A 145 6.65 -1.88 8.60
CA LEU A 145 5.66 -1.91 7.51
C LEU A 145 4.96 -0.55 7.49
N GLY A 146 4.51 -0.12 8.67
CA GLY A 146 3.81 1.14 8.79
C GLY A 146 4.62 2.30 8.26
N CYS A 147 5.89 2.37 8.64
CA CYS A 147 6.76 3.44 8.18
C CYS A 147 6.97 3.40 6.68
N LEU A 148 7.15 2.20 6.14
CA LEU A 148 7.33 2.07 4.70
C LEU A 148 6.08 2.58 3.99
N ARG A 149 4.91 2.21 4.49
CA ARG A 149 3.67 2.67 3.88
C ARG A 149 3.53 4.18 4.00
N ALA A 150 3.95 4.74 5.14
CA ALA A 150 3.85 6.19 5.34
C ALA A 150 4.77 6.92 4.37
N ILE A 151 5.91 6.31 4.06
CA ILE A 151 6.85 6.89 3.12
C ILE A 151 6.21 6.89 1.73
N VAL A 152 5.55 5.78 1.40
CA VAL A 152 4.86 5.66 0.12
C VAL A 152 3.73 6.69 0.02
N LEU A 153 2.96 6.82 1.10
CA LEU A 153 1.85 7.78 1.13
C LEU A 153 2.37 9.20 0.85
N PHE A 154 3.39 9.60 1.61
CA PHE A 154 4.02 10.92 1.46
C PHE A 154 5.00 10.93 0.29
N ASN A 155 4.46 10.76 -0.92
CA ASN A 155 5.27 10.75 -2.13
C ASN A 155 5.30 12.16 -2.73
N PRO A 156 6.44 12.87 -2.56
CA PRO A 156 6.63 14.23 -3.07
C PRO A 156 6.66 14.36 -4.60
N ASP A 157 6.76 13.24 -5.29
CA ASP A 157 6.78 13.25 -6.75
C ASP A 157 5.37 13.22 -7.36
N SER A 158 4.36 13.01 -6.52
CA SER A 158 2.98 12.97 -6.99
C SER A 158 2.62 14.29 -7.68
N LYS A 159 2.22 14.20 -8.94
CA LYS A 159 1.88 15.38 -9.74
C LYS A 159 0.68 16.16 -9.22
N GLY A 160 0.73 17.48 -9.34
CA GLY A 160 -0.39 18.30 -8.90
C GLY A 160 -0.35 18.80 -7.47
N LEU A 161 0.51 18.20 -6.65
CA LEU A 161 0.65 18.59 -5.25
C LEU A 161 0.77 20.11 -5.12
N SER A 162 -0.05 20.71 -4.26
CA SER A 162 0.01 22.16 -4.08
C SER A 162 1.33 22.57 -3.43
N ASN A 163 1.87 21.72 -2.56
CA ASN A 163 3.13 22.03 -1.90
C ASN A 163 3.96 20.76 -1.69
N PRO A 164 4.69 20.33 -2.73
CA PRO A 164 5.53 19.13 -2.66
C PRO A 164 6.61 19.14 -1.58
N ALA A 165 7.10 20.32 -1.25
CA ALA A 165 8.14 20.45 -0.22
C ALA A 165 7.63 19.98 1.15
N GLU A 166 6.36 20.26 1.43
CA GLU A 166 5.73 19.89 2.68
C GLU A 166 5.61 18.37 2.77
N VAL A 167 5.21 17.74 1.68
CA VAL A 167 5.07 16.28 1.65
C VAL A 167 6.46 15.66 1.79
N GLU A 168 7.44 16.23 1.10
CA GLU A 168 8.82 15.75 1.16
C GLU A 168 9.34 15.85 2.61
N ALA A 169 8.97 16.92 3.29
CA ALA A 169 9.38 17.15 4.68
C ALA A 169 8.83 16.02 5.55
N LEU A 170 7.55 15.71 5.34
CA LEU A 170 6.90 14.64 6.10
C LEU A 170 7.58 13.31 5.82
N ARG A 171 7.88 13.04 4.56
CA ARG A 171 8.56 11.79 4.19
C ARG A 171 9.90 11.68 4.93
N GLU A 172 10.67 12.77 4.95
CA GLU A 172 11.97 12.78 5.63
C GLU A 172 11.81 12.47 7.12
N LYS A 173 10.76 13.01 7.75
CA LYS A 173 10.52 12.75 9.16
C LYS A 173 10.19 11.28 9.39
N VAL A 174 9.44 10.68 8.47
CA VAL A 174 9.10 9.27 8.60
C VAL A 174 10.37 8.42 8.52
N TYR A 175 11.20 8.60 7.50
CA TYR A 175 12.37 7.75 7.43
C TYR A 175 13.42 8.03 8.50
N ALA A 176 13.40 9.22 9.07
CA ALA A 176 14.34 9.53 10.15
C ALA A 176 13.89 8.71 11.37
N SER A 177 12.58 8.70 11.62
CA SER A 177 12.02 7.94 12.74
C SER A 177 12.20 6.44 12.54
N LEU A 178 12.06 5.99 11.29
CA LEU A 178 12.21 4.58 10.96
C LEU A 178 13.64 4.12 11.23
N GLU A 179 14.62 4.87 10.73
CA GLU A 179 16.01 4.50 10.95
C GLU A 179 16.35 4.46 12.43
N ALA A 180 15.83 5.43 13.19
CA ALA A 180 16.07 5.48 14.62
C ALA A 180 15.51 4.22 15.26
N TYR A 181 14.31 3.84 14.84
CA TYR A 181 13.63 2.65 15.34
C TYR A 181 14.45 1.40 15.04
N CYS A 182 14.88 1.26 13.78
CA CYS A 182 15.67 0.10 13.38
C CYS A 182 16.96 -0.03 14.20
N LYS A 183 17.70 1.07 14.30
CA LYS A 183 18.95 1.07 15.05
C LYS A 183 18.74 0.67 16.52
N HIS A 184 17.60 1.08 17.08
CA HIS A 184 17.30 0.78 18.47
C HIS A 184 16.78 -0.63 18.71
N LYS A 185 15.82 -1.06 17.88
CA LYS A 185 15.21 -2.37 18.02
C LYS A 185 16.07 -3.51 17.47
N TYR A 186 16.89 -3.21 16.46
CA TYR A 186 17.75 -4.22 15.85
C TYR A 186 19.17 -3.69 15.69
N PRO A 187 19.86 -3.43 16.82
CA PRO A 187 21.23 -2.91 16.77
C PRO A 187 22.22 -3.85 16.08
N GLU A 188 21.96 -5.15 16.13
CA GLU A 188 22.83 -6.14 15.53
C GLU A 188 22.70 -6.21 14.00
N GLN A 189 21.74 -5.48 13.44
CA GLN A 189 21.53 -5.49 11.99
C GLN A 189 21.70 -4.07 11.43
N PRO A 190 22.95 -3.64 11.17
CA PRO A 190 23.24 -2.31 10.65
C PRO A 190 22.71 -1.99 9.24
N GLY A 191 22.41 -3.01 8.44
CA GLY A 191 21.90 -2.74 7.11
C GLY A 191 20.38 -2.86 6.99
N ARG A 192 19.70 -3.11 8.09
CA ARG A 192 18.25 -3.29 8.06
C ARG A 192 17.46 -2.11 7.50
N PHE A 193 17.84 -0.90 7.87
CA PHE A 193 17.16 0.31 7.39
C PHE A 193 17.20 0.38 5.86
N ALA A 194 18.40 0.21 5.30
CA ALA A 194 18.59 0.25 3.85
C ALA A 194 17.86 -0.90 3.17
N LYS A 195 17.85 -2.05 3.83
CA LYS A 195 17.18 -3.25 3.31
C LYS A 195 15.68 -2.97 3.15
N LEU A 196 15.09 -2.34 4.15
CA LEU A 196 13.68 -1.99 4.12
C LEU A 196 13.39 -1.04 2.97
N LEU A 197 14.19 0.00 2.84
CA LEU A 197 13.98 0.98 1.77
C LEU A 197 14.18 0.40 0.38
N LEU A 198 15.07 -0.58 0.27
CA LEU A 198 15.34 -1.18 -1.03
C LEU A 198 14.26 -2.15 -1.54
N ARG A 199 13.17 -2.28 -0.79
CA ARG A 199 12.08 -3.11 -1.28
C ARG A 199 11.08 -2.18 -1.99
N LEU A 200 11.28 -0.87 -1.86
CA LEU A 200 10.39 0.11 -2.51
C LEU A 200 10.46 0.09 -4.04
N PRO A 201 11.65 -0.13 -4.63
CA PRO A 201 11.64 -0.15 -6.10
C PRO A 201 10.80 -1.35 -6.61
N ALA A 202 10.93 -2.49 -5.94
CA ALA A 202 10.16 -3.67 -6.33
C ALA A 202 8.67 -3.39 -6.15
N LEU A 203 8.31 -2.75 -5.04
CA LEU A 203 6.93 -2.40 -4.76
C LEU A 203 6.36 -1.49 -5.84
N ARG A 204 7.15 -0.51 -6.28
CA ARG A 204 6.73 0.41 -7.33
C ARG A 204 6.45 -0.36 -8.64
N SER A 205 7.40 -1.22 -9.02
CA SER A 205 7.28 -2.01 -10.25
C SER A 205 6.05 -2.94 -10.22
N ILE A 206 5.90 -3.67 -9.13
CA ILE A 206 4.78 -4.58 -8.97
C ILE A 206 3.46 -3.83 -8.93
N GLY A 207 3.46 -2.65 -8.33
CA GLY A 207 2.25 -1.84 -8.27
C GLY A 207 1.82 -1.41 -9.67
N LEU A 208 2.79 -1.03 -10.49
CA LEU A 208 2.48 -0.59 -11.86
C LEU A 208 1.91 -1.77 -12.65
N LYS A 209 2.54 -2.94 -12.51
CA LYS A 209 2.08 -4.13 -13.22
C LYS A 209 0.69 -4.56 -12.78
N CYS A 210 0.40 -4.47 -11.49
CA CYS A 210 -0.93 -4.84 -11.00
C CYS A 210 -1.95 -3.88 -11.58
N LEU A 211 -1.59 -2.60 -11.68
CA LEU A 211 -2.50 -1.60 -12.24
C LEU A 211 -2.80 -1.90 -13.71
N GLU A 212 -1.79 -2.30 -14.47
CA GLU A 212 -1.99 -2.66 -15.87
C GLU A 212 -3.01 -3.79 -15.97
N HIS A 213 -2.85 -4.79 -15.09
CA HIS A 213 -3.79 -5.93 -15.08
C HIS A 213 -5.21 -5.43 -14.81
N LEU A 214 -5.36 -4.59 -13.80
CA LEU A 214 -6.69 -4.05 -13.44
C LEU A 214 -7.32 -3.35 -14.63
N PHE A 215 -6.56 -2.49 -15.31
CA PHE A 215 -7.09 -1.80 -16.47
C PHE A 215 -7.55 -2.78 -17.55
N PHE A 216 -6.79 -3.87 -17.71
CA PHE A 216 -7.18 -4.87 -18.70
C PHE A 216 -8.47 -5.59 -18.30
N PHE A 217 -8.63 -5.87 -17.01
CA PHE A 217 -9.85 -6.55 -16.54
C PHE A 217 -11.04 -5.64 -16.81
N LYS A 218 -10.83 -4.35 -16.61
CA LYS A 218 -11.87 -3.36 -16.85
C LYS A 218 -12.18 -3.34 -18.34
N LEU A 219 -11.13 -3.29 -19.16
CA LEU A 219 -11.29 -3.28 -20.61
C LEU A 219 -12.07 -4.47 -21.13
N ILE A 220 -11.72 -5.67 -20.66
CA ILE A 220 -12.41 -6.89 -21.11
C ILE A 220 -13.90 -6.86 -20.79
N GLY A 221 -14.26 -6.32 -19.62
CA GLY A 221 -15.67 -6.27 -19.26
C GLY A 221 -16.02 -7.31 -18.21
N ASP A 222 -15.40 -8.48 -18.29
CA ASP A 222 -15.62 -9.53 -17.32
C ASP A 222 -15.02 -9.02 -16.01
N THR A 223 -15.17 -9.77 -14.94
CA THR A 223 -14.64 -9.36 -13.64
C THR A 223 -15.33 -8.11 -13.14
N PRO A 224 -16.18 -8.25 -12.11
CA PRO A 224 -16.87 -7.09 -11.56
C PRO A 224 -15.90 -6.15 -10.83
N ILE A 225 -16.05 -4.86 -11.06
CA ILE A 225 -15.19 -3.88 -10.41
C ILE A 225 -16.10 -2.92 -9.67
N ASP A 226 -16.02 -2.93 -8.34
CA ASP A 226 -16.85 -2.07 -7.50
C ASP A 226 -16.53 -0.58 -7.66
N THR A 227 -17.43 0.26 -7.18
CA THR A 227 -17.30 1.71 -7.32
C THR A 227 -16.03 2.41 -6.86
N PHE A 228 -15.46 2.03 -5.73
CA PHE A 228 -14.27 2.73 -5.27
C PHE A 228 -13.07 2.34 -6.14
N LEU A 229 -12.92 1.05 -6.39
CA LEU A 229 -11.83 0.58 -7.22
C LEU A 229 -11.97 1.23 -8.60
N MET A 230 -13.20 1.26 -9.11
CA MET A 230 -13.48 1.86 -10.41
C MET A 230 -13.11 3.34 -10.43
N GLU A 231 -13.43 4.06 -9.35
CA GLU A 231 -13.10 5.47 -9.25
C GLU A 231 -11.59 5.69 -9.31
N MET A 232 -10.82 4.75 -8.76
CA MET A 232 -9.37 4.89 -8.80
C MET A 232 -8.86 4.75 -10.23
N LEU A 233 -9.62 4.05 -11.08
CA LEU A 233 -9.22 3.88 -12.47
C LEU A 233 -9.69 5.05 -13.35
N GLU A 234 -10.41 6.00 -12.76
CA GLU A 234 -10.88 7.17 -13.49
C GLU A 234 -9.69 8.06 -13.81
N ALA A 235 -9.82 8.87 -14.85
CA ALA A 235 -8.75 9.78 -15.20
C ALA A 235 -8.81 10.94 -14.22
N PRO A 236 -7.69 11.66 -14.02
CA PRO A 236 -7.73 12.79 -13.10
C PRO A 236 -8.55 13.92 -13.73
N HIS A 237 -8.01 15.14 -13.71
CA HIS A 237 -8.69 16.27 -14.31
C HIS A 237 -7.59 17.17 -14.86
N GLN A 238 -6.59 16.54 -15.48
CA GLN A 238 -5.44 17.21 -16.08
C GLN A 238 -4.73 18.15 -15.10
N LYS B 1 -15.39 15.88 -9.04
CA LYS B 1 -14.12 15.17 -9.35
C LYS B 1 -14.14 13.71 -8.92
N HIS B 2 -13.35 13.36 -7.91
CA HIS B 2 -13.29 11.98 -7.42
C HIS B 2 -14.20 11.89 -6.20
N LYS B 3 -15.49 11.83 -6.50
CA LYS B 3 -16.60 11.79 -5.54
C LYS B 3 -16.41 11.00 -4.25
N ILE B 4 -16.28 9.69 -4.37
CA ILE B 4 -16.13 8.82 -3.20
C ILE B 4 -14.97 9.21 -2.29
N LEU B 5 -13.77 9.32 -2.84
CA LEU B 5 -12.60 9.67 -2.04
C LEU B 5 -12.76 11.01 -1.30
N HIS B 6 -13.29 12.02 -1.98
CA HIS B 6 -13.48 13.32 -1.35
C HIS B 6 -14.43 13.21 -0.17
N ARG B 7 -15.56 12.53 -0.38
CA ARG B 7 -16.56 12.37 0.67
C ARG B 7 -15.99 11.67 1.91
N LEU B 8 -15.18 10.65 1.70
CA LEU B 8 -14.57 9.91 2.79
C LEU B 8 -13.51 10.72 3.54
N LEU B 9 -12.74 11.53 2.83
CA LEU B 9 -11.71 12.35 3.45
C LEU B 9 -12.31 13.53 4.20
N GLN B 10 -13.40 14.07 3.66
CA GLN B 10 -14.10 15.19 4.26
C GLN B 10 -14.63 14.84 5.63
N ASP B 11 -15.32 13.71 5.70
CA ASP B 11 -15.92 13.23 6.94
C ASP B 11 -14.89 13.18 8.06
C1 HXA C . -6.56 -7.19 0.41
O1 HXA C . -5.69 -6.82 1.36
O2 HXA C . -7.16 -8.22 0.41
C2 HXA C . -6.65 -6.12 -0.66
C3 HXA C . -6.89 -6.77 -2.03
C4 HXA C . -5.75 -7.63 -2.46
C5 HXA C . -4.93 -7.29 -3.49
C6 HXA C . -5.22 -6.48 -4.71
C7 HXA C . -5.28 -5.01 -4.40
C8 HXA C . -4.21 -4.24 -4.27
C9 HXA C . -3.29 -3.72 -5.34
C10 HXA C . -3.45 -4.33 -6.70
C11 HXA C . -3.92 -3.57 -7.70
C12 HXA C . -5.15 -4.02 -8.43
C13 HXA C . -4.81 -5.13 -9.39
C14 HXA C . -5.31 -6.38 -9.38
C15 HXA C . -4.59 -7.46 -10.12
C16 HXA C . -4.69 -8.77 -9.41
C17 HXA C . -4.52 -9.95 -10.01
C18 HXA C . -3.13 -10.44 -10.28
C19 HXA C . -2.45 -10.77 -8.99
C20 HXA C . -1.55 -9.93 -8.45
C21 HXA C . -1.95 -8.94 -7.39
C22 HXA C . -2.36 -9.61 -6.08
#